data_7SA6
#
_entry.id   7SA6
#
_cell.length_a   148.990
_cell.length_b   66.360
_cell.length_c   105.370
_cell.angle_alpha   90.000
_cell.angle_beta   93.429
_cell.angle_gamma   90.000
#
_symmetry.space_group_name_H-M   'C 1 2 1'
#
loop_
_entity.id
_entity.type
_entity.pdbx_description
1 polymer 'Factor H-binding protein 2416'
2 polymer 'JAR5 Heavy Chain'
3 polymer 'JAR5 Light Chain'
#
loop_
_entity_poly.entity_id
_entity_poly.type
_entity_poly.pdbx_seq_one_letter_code
_entity_poly.pdbx_strand_id
1 'polypeptide(L)'
;MGPDSDRLQQRRVAADIGTGLADALTAPLDHKDKGLKSLTLEDSIRQNGTLTLSAQGAEKTFKAGDKDNSLNTGKLKNDK
ISRFDFVQKIEVDGQTITLASGEFQIYKQNHSAVVALQIEKIQDSEHSGKLVNKRQFRISGLGGEHTAFNQLPGGKAEYH
GKAFSSDDPNGRLHYSIDFTKKQGYGRIEHLKTLEQNVELAAAELKADEKSHAVILGDTRYNGAEKGSYHLALFGDRAQE
IAGSAEVKTVNSIHHIGIAGKQLEHHHHHH
;
A
2 'polypeptide(L)'
;MEFGLSWVFLVAILEGVHCQVQMQQPGAELVKPGASVKLSCKASGYTFISYWMHWVKQRPGRGLEWIGRIAPDTGIIYYN
EKFKNKATLTVDTPSSTAYMQLNSLTSEDSAVYYCARYLKYDGSTYRFDYWGQGTTLTVSSAKTTPPSVYPLAPGCGDTT
GSSVTLGCLVKGYFPEPVTVTWNSGSLSSGVHTFPAVLQSDLYTLSSSVTVPSSPWPSETVTCNVAHPASSTKVDKKLVP
RDCGGSENLYFQ
;
H
3 'polypeptide(L)'
;DIVMTQAAPSVPVTPGESVSISCRSSKSLLHSNGNTYLFWFLQRPGQSPQLLIYRMSNLASGVPDRFSGSGSGTSFTLRI
SRVEAEDVGVYYCMQHLEYPYTFGGGTKLEIKRADAAPTVSIFPPSSEQLTSGGASVVCFLNNFYPKDINVKWKIDGSER
QNGVLNSWTDQDSKDSTYSMSSTLTLTKDEYERHNSYTCEATHKTSTSPIVKSFNR
;
L
#
# COMPACT_ATOMS: atom_id res chain seq x y z
N LEU A 39 -15.39 -40.20 -9.08
CA LEU A 39 -16.47 -39.45 -9.71
C LEU A 39 -16.55 -38.03 -9.16
N THR A 40 -16.65 -37.93 -7.83
CA THR A 40 -16.65 -36.65 -7.14
C THR A 40 -15.41 -36.58 -6.27
N LEU A 41 -14.60 -35.54 -6.47
CA LEU A 41 -13.34 -35.35 -5.75
C LEU A 41 -13.43 -34.06 -4.96
N GLU A 42 -13.69 -34.17 -3.66
CA GLU A 42 -13.74 -33.01 -2.78
C GLU A 42 -12.43 -32.77 -2.05
N ASP A 43 -11.56 -33.78 -1.94
CA ASP A 43 -10.26 -33.59 -1.32
C ASP A 43 -9.27 -32.88 -2.22
N SER A 44 -9.57 -32.77 -3.52
CA SER A 44 -8.71 -32.09 -4.47
C SER A 44 -8.92 -30.58 -4.50
N ILE A 45 -9.86 -30.06 -3.70
CA ILE A 45 -10.15 -28.64 -3.63
C ILE A 45 -9.45 -28.07 -2.40
N ARG A 46 -8.94 -26.84 -2.52
CA ARG A 46 -8.19 -26.20 -1.47
C ARG A 46 -8.92 -24.98 -0.94
N GLN A 47 -8.92 -24.81 0.39
CA GLN A 47 -9.46 -23.63 1.06
C GLN A 47 -10.92 -23.38 0.70
N ASN A 48 -11.68 -24.45 0.49
CA ASN A 48 -13.10 -24.36 0.13
C ASN A 48 -13.30 -23.46 -1.09
N GLY A 49 -12.40 -23.56 -2.06
CA GLY A 49 -12.43 -22.69 -3.21
C GLY A 49 -13.05 -23.31 -4.43
N THR A 50 -12.36 -23.25 -5.56
CA THR A 50 -12.83 -23.77 -6.83
C THR A 50 -11.89 -24.88 -7.31
N LEU A 51 -12.21 -25.44 -8.47
CA LEU A 51 -11.28 -26.30 -9.20
C LEU A 51 -11.63 -26.20 -10.68
N THR A 52 -10.90 -25.35 -11.40
CA THR A 52 -11.05 -25.24 -12.84
C THR A 52 -10.11 -26.25 -13.48
N LEU A 53 -10.65 -27.41 -13.84
CA LEU A 53 -9.97 -28.31 -14.76
C LEU A 53 -10.32 -27.90 -16.18
N SER A 54 -9.30 -27.83 -17.03
CA SER A 54 -9.49 -27.32 -18.38
C SER A 54 -8.66 -28.14 -19.35
N ALA A 55 -9.29 -28.56 -20.46
CA ALA A 55 -8.62 -29.36 -21.47
C ALA A 55 -9.47 -29.38 -22.73
N GLN A 56 -8.80 -29.48 -23.88
CA GLN A 56 -9.44 -29.64 -25.18
C GLN A 56 -10.44 -28.51 -25.45
N GLY A 57 -10.06 -27.30 -25.08
CA GLY A 57 -10.94 -26.15 -25.29
C GLY A 57 -12.22 -26.22 -24.49
N ALA A 58 -12.14 -26.67 -23.25
CA ALA A 58 -13.30 -26.76 -22.37
C ALA A 58 -12.82 -26.70 -20.93
N GLU A 59 -13.57 -25.97 -20.09
CA GLU A 59 -13.21 -25.81 -18.69
C GLU A 59 -14.45 -25.98 -17.84
N LYS A 60 -14.41 -26.95 -16.92
CA LYS A 60 -15.48 -27.15 -15.94
C LYS A 60 -14.96 -26.80 -14.56
N THR A 61 -15.72 -25.99 -13.84
CA THR A 61 -15.33 -25.52 -12.51
C THR A 61 -16.15 -26.26 -11.46
N PHE A 62 -15.48 -27.04 -10.62
CA PHE A 62 -16.16 -27.81 -9.56
C PHE A 62 -16.09 -26.99 -8.29
N LYS A 63 -17.19 -26.32 -7.96
CA LYS A 63 -17.28 -25.52 -6.75
C LYS A 63 -17.67 -26.42 -5.57
N ALA A 64 -16.94 -26.31 -4.47
CA ALA A 64 -17.22 -27.12 -3.31
C ALA A 64 -18.53 -26.68 -2.65
N GLY A 65 -19.14 -27.62 -1.91
CA GLY A 65 -20.40 -27.36 -1.26
C GLY A 65 -21.63 -27.67 -2.08
N ASP A 66 -21.46 -28.00 -3.36
CA ASP A 66 -22.57 -28.35 -4.24
C ASP A 66 -22.41 -29.79 -4.70
N LYS A 67 -23.49 -30.56 -4.65
CA LYS A 67 -23.46 -31.96 -5.05
C LYS A 67 -23.49 -32.14 -6.57
N ASP A 68 -23.68 -31.06 -7.33
CA ASP A 68 -23.75 -31.18 -8.78
C ASP A 68 -22.40 -31.49 -9.41
N ASN A 69 -21.30 -31.32 -8.69
CA ASN A 69 -19.98 -31.61 -9.23
C ASN A 69 -19.79 -33.11 -9.37
N SER A 70 -19.38 -33.54 -10.56
CA SER A 70 -19.18 -34.96 -10.84
C SER A 70 -18.22 -35.09 -12.02
N LEU A 71 -17.76 -36.31 -12.25
CA LEU A 71 -16.83 -36.58 -13.33
C LEU A 71 -17.09 -37.99 -13.85
N ASN A 72 -16.14 -38.51 -14.65
CA ASN A 72 -16.30 -39.81 -15.28
C ASN A 72 -16.08 -40.92 -14.26
N THR A 73 -17.08 -41.78 -14.11
CA THR A 73 -16.96 -42.96 -13.25
C THR A 73 -16.34 -44.12 -14.04
N GLY A 74 -15.15 -43.85 -14.56
CA GLY A 74 -14.52 -44.73 -15.50
C GLY A 74 -14.92 -44.51 -16.94
N LYS A 75 -15.65 -43.43 -17.24
CA LYS A 75 -16.05 -43.16 -18.61
C LYS A 75 -14.86 -42.82 -19.50
N LEU A 76 -13.80 -42.25 -18.93
CA LEU A 76 -12.56 -42.10 -19.66
C LEU A 76 -11.87 -43.45 -19.81
N LYS A 77 -10.87 -43.49 -20.68
CA LYS A 77 -10.19 -44.75 -21.00
C LYS A 77 -9.61 -45.38 -19.74
N ASN A 78 -9.89 -46.67 -19.57
CA ASN A 78 -9.40 -47.41 -18.42
C ASN A 78 -7.96 -47.85 -18.64
N ASP A 79 -7.24 -48.07 -17.54
CA ASP A 79 -5.84 -48.45 -17.56
C ASP A 79 -5.01 -47.44 -18.35
N LYS A 80 -5.34 -46.16 -18.19
CA LYS A 80 -4.64 -45.08 -18.88
C LYS A 80 -4.71 -43.82 -18.03
N ILE A 81 -3.62 -43.07 -18.02
CA ILE A 81 -3.53 -41.83 -17.24
C ILE A 81 -4.00 -40.69 -18.13
N SER A 82 -5.15 -40.11 -17.79
CA SER A 82 -5.73 -38.98 -18.51
C SER A 82 -5.32 -37.70 -17.81
N ARG A 83 -4.69 -36.79 -18.54
CA ARG A 83 -4.08 -35.59 -17.96
C ARG A 83 -4.93 -34.36 -18.23
N PHE A 84 -5.17 -33.57 -17.19
CA PHE A 84 -5.92 -32.33 -17.28
C PHE A 84 -5.07 -31.20 -16.72
N ASP A 85 -5.39 -29.97 -17.15
CA ASP A 85 -4.73 -28.77 -16.64
C ASP A 85 -5.67 -28.12 -15.63
N PHE A 86 -5.29 -28.13 -14.36
CA PHE A 86 -6.14 -27.65 -13.28
C PHE A 86 -5.65 -26.31 -12.75
N VAL A 87 -6.58 -25.54 -12.18
CA VAL A 87 -6.30 -24.29 -11.51
C VAL A 87 -7.16 -24.23 -10.27
N GLN A 88 -6.53 -24.04 -9.10
CA GLN A 88 -7.23 -23.89 -7.84
C GLN A 88 -7.36 -22.41 -7.51
N LYS A 89 -8.58 -21.98 -7.20
CA LYS A 89 -8.87 -20.56 -6.99
C LYS A 89 -9.77 -20.39 -5.78
N ILE A 90 -9.63 -19.22 -5.14
CA ILE A 90 -10.57 -18.74 -4.13
C ILE A 90 -10.86 -17.28 -4.40
N GLU A 91 -11.89 -16.76 -3.74
CA GLU A 91 -12.28 -15.36 -3.84
C GLU A 91 -12.06 -14.67 -2.51
N VAL A 92 -11.34 -13.56 -2.53
CA VAL A 92 -11.08 -12.76 -1.33
C VAL A 92 -11.51 -11.33 -1.63
N ASP A 93 -12.49 -10.83 -0.88
CA ASP A 93 -12.97 -9.45 -0.99
C ASP A 93 -13.34 -9.11 -2.43
N GLY A 94 -14.10 -10.01 -3.05
CA GLY A 94 -14.58 -9.79 -4.41
C GLY A 94 -13.52 -9.82 -5.49
N GLN A 95 -12.60 -10.79 -5.43
CA GLN A 95 -11.65 -11.02 -6.52
C GLN A 95 -11.11 -12.43 -6.40
N THR A 96 -11.06 -13.14 -7.53
CA THR A 96 -10.54 -14.50 -7.55
C THR A 96 -9.03 -14.50 -7.61
N ILE A 97 -8.41 -15.37 -6.82
CA ILE A 97 -6.96 -15.49 -6.75
C ILE A 97 -6.59 -16.95 -6.97
N THR A 98 -5.68 -17.20 -7.91
CA THR A 98 -5.19 -18.55 -8.15
C THR A 98 -4.23 -18.95 -7.03
N LEU A 99 -4.55 -20.05 -6.34
CA LEU A 99 -3.66 -20.55 -5.30
C LEU A 99 -2.62 -21.51 -5.84
N ALA A 100 -2.99 -22.32 -6.83
CA ALA A 100 -2.08 -23.27 -7.45
C ALA A 100 -2.60 -23.60 -8.84
N SER A 101 -1.72 -24.18 -9.65
CA SER A 101 -2.07 -24.62 -10.99
C SER A 101 -1.09 -25.70 -11.42
N GLY A 102 -1.44 -26.41 -12.47
CA GLY A 102 -0.57 -27.44 -13.00
C GLY A 102 -1.38 -28.56 -13.64
N GLU A 103 -0.78 -29.74 -13.65
CA GLU A 103 -1.35 -30.91 -14.30
C GLU A 103 -2.16 -31.74 -13.30
N PHE A 104 -3.23 -32.36 -13.82
CA PHE A 104 -4.14 -33.16 -13.01
C PHE A 104 -4.44 -34.45 -13.80
N GLN A 105 -3.94 -35.58 -13.29
CA GLN A 105 -3.99 -36.85 -13.98
C GLN A 105 -4.79 -37.86 -13.18
N ILE A 106 -5.52 -38.74 -13.88
CA ILE A 106 -6.41 -39.71 -13.27
C ILE A 106 -6.10 -41.09 -13.82
N TYR A 107 -6.39 -42.11 -13.02
CA TYR A 107 -6.35 -43.51 -13.46
C TYR A 107 -7.74 -44.10 -13.34
N LYS A 108 -8.18 -44.81 -14.37
CA LYS A 108 -9.55 -45.29 -14.48
C LYS A 108 -9.60 -46.81 -14.37
N GLN A 109 -10.53 -47.30 -13.57
CA GLN A 109 -10.82 -48.73 -13.44
C GLN A 109 -12.34 -48.87 -13.36
N ASN A 110 -12.79 -50.06 -12.97
CA ASN A 110 -14.21 -50.24 -12.68
C ASN A 110 -14.65 -49.37 -11.52
N HIS A 111 -13.79 -49.24 -10.51
CA HIS A 111 -14.07 -48.37 -9.37
C HIS A 111 -12.93 -47.36 -9.20
N VAL A 114 -7.11 -43.22 -9.28
CA VAL A 114 -6.40 -42.42 -8.29
C VAL A 114 -6.01 -41.07 -8.89
N VAL A 115 -6.52 -40.03 -8.26
CA VAL A 115 -6.32 -38.67 -8.74
C VAL A 115 -4.96 -38.17 -8.26
N ALA A 116 -4.19 -37.59 -9.19
CA ALA A 116 -2.83 -37.13 -8.90
C ALA A 116 -2.67 -35.70 -9.40
N LEU A 117 -2.09 -34.85 -8.55
CA LEU A 117 -2.04 -33.40 -8.79
C LEU A 117 -0.57 -32.98 -8.87
N GLN A 118 -0.10 -32.70 -10.09
CA GLN A 118 1.27 -32.23 -10.29
C GLN A 118 1.22 -30.70 -10.30
N ILE A 119 1.49 -30.11 -9.14
CA ILE A 119 1.52 -28.65 -9.03
C ILE A 119 2.78 -28.14 -9.71
N GLU A 120 2.62 -27.13 -10.56
CA GLU A 120 3.73 -26.46 -11.21
C GLU A 120 3.92 -25.02 -10.75
N LYS A 121 2.84 -24.37 -10.31
CA LYS A 121 2.90 -23.00 -9.82
C LYS A 121 2.06 -22.93 -8.54
N ILE A 122 2.71 -22.72 -7.41
CA ILE A 122 2.03 -22.55 -6.13
C ILE A 122 2.42 -21.18 -5.57
N GLN A 123 1.61 -20.67 -4.64
CA GLN A 123 1.85 -19.35 -4.02
C GLN A 123 2.61 -19.47 -2.71
N ASP A 124 3.57 -18.58 -2.46
CA ASP A 124 4.29 -18.56 -1.15
C ASP A 124 3.64 -17.45 -0.33
N SER A 125 2.47 -17.73 0.23
CA SER A 125 1.72 -16.71 1.00
C SER A 125 2.38 -16.43 2.35
N GLU A 126 3.39 -17.23 2.72
CA GLU A 126 4.03 -17.10 4.05
C GLU A 126 5.20 -16.14 3.97
N HIS A 127 5.96 -16.18 2.87
CA HIS A 127 7.20 -15.37 2.83
C HIS A 127 7.23 -14.40 1.66
N SER A 128 7.24 -14.91 0.42
CA SER A 128 7.41 -14.03 -0.77
C SER A 128 6.15 -13.24 -1.06
N GLY A 129 4.99 -13.88 -0.98
CA GLY A 129 3.74 -13.21 -1.39
C GLY A 129 3.68 -13.26 -2.89
N LYS A 130 4.30 -14.26 -3.49
CA LYS A 130 4.38 -14.33 -4.96
C LYS A 130 4.08 -15.75 -5.42
N LEU A 131 3.49 -15.88 -6.60
CA LEU A 131 3.19 -17.19 -7.17
C LEU A 131 4.48 -17.75 -7.76
N VAL A 132 5.14 -18.64 -7.01
CA VAL A 132 6.43 -19.19 -7.42
C VAL A 132 6.21 -20.43 -8.28
N ASN A 133 7.26 -20.83 -8.98
CA ASN A 133 7.23 -22.02 -9.83
C ASN A 133 7.82 -23.21 -9.08
N LYS A 134 7.12 -23.64 -8.04
CA LYS A 134 7.52 -24.79 -7.24
C LYS A 134 6.74 -26.02 -7.71
N ARG A 135 7.47 -27.11 -7.99
CA ARG A 135 6.86 -28.33 -8.52
C ARG A 135 6.74 -29.36 -7.40
N GLN A 136 5.52 -29.87 -7.22
CA GLN A 136 5.25 -30.86 -6.17
C GLN A 136 4.21 -31.84 -6.66
N PHE A 137 4.37 -33.11 -6.27
CA PHE A 137 3.49 -34.19 -6.68
C PHE A 137 2.66 -34.65 -5.49
N ARG A 138 1.35 -34.75 -5.68
CA ARG A 138 0.43 -35.18 -4.62
C ARG A 138 -0.61 -36.13 -5.20
N ILE A 139 -1.35 -36.80 -4.31
CA ILE A 139 -2.38 -37.77 -4.68
C ILE A 139 -3.63 -37.47 -3.86
N SER A 140 -4.76 -37.27 -4.53
CA SER A 140 -5.98 -36.82 -3.86
C SER A 140 -7.25 -37.47 -4.44
N GLY A 141 -7.24 -38.79 -4.64
CA GLY A 141 -8.33 -39.45 -5.31
C GLY A 141 -8.94 -40.60 -4.52
N LEU A 142 -10.21 -40.88 -4.83
CA LEU A 142 -10.94 -42.03 -4.31
C LEU A 142 -12.14 -42.30 -5.20
N GLY A 143 -12.65 -43.52 -5.13
CA GLY A 143 -13.77 -43.97 -5.95
C GLY A 143 -14.79 -44.74 -5.14
N GLY A 144 -15.42 -45.71 -5.81
CA GLY A 144 -16.42 -46.55 -5.17
C GLY A 144 -15.80 -47.68 -4.38
N GLU A 145 -15.86 -47.59 -3.05
CA GLU A 145 -15.15 -48.51 -2.19
C GLU A 145 -16.04 -49.68 -1.76
N HIS A 146 -15.40 -50.81 -1.45
CA HIS A 146 -16.07 -52.00 -0.96
C HIS A 146 -15.94 -52.08 0.56
N THR A 147 -16.91 -52.74 1.18
CA THR A 147 -17.02 -52.80 2.63
C THR A 147 -16.91 -54.23 3.13
N ALA A 148 -16.18 -54.40 4.23
CA ALA A 148 -16.03 -55.71 4.86
C ALA A 148 -15.60 -55.56 6.32
N ALA A 163 1.93 -47.46 -9.32
CA ALA A 163 2.08 -47.28 -10.76
C ALA A 163 2.76 -45.95 -11.08
N PHE A 164 1.98 -44.87 -11.10
CA PHE A 164 2.51 -43.58 -11.49
C PHE A 164 3.37 -42.98 -10.37
N SER A 165 4.27 -42.08 -10.79
CA SER A 165 5.08 -41.28 -9.89
C SER A 165 5.35 -39.94 -10.57
N SER A 166 6.17 -39.12 -9.93
CA SER A 166 6.46 -37.78 -10.45
C SER A 166 7.17 -37.85 -11.79
N ASP A 167 6.47 -37.47 -12.86
CA ASP A 167 7.01 -37.43 -14.22
C ASP A 167 7.49 -38.81 -14.68
N ASP A 168 6.87 -39.87 -14.16
CA ASP A 168 7.22 -41.26 -14.51
C ASP A 168 5.93 -42.01 -14.82
N PRO A 169 5.35 -41.80 -16.01
CA PRO A 169 4.06 -42.43 -16.31
C PRO A 169 4.12 -43.94 -16.43
N ASN A 170 5.26 -44.52 -16.78
CA ASN A 170 5.37 -45.95 -17.06
C ASN A 170 5.84 -46.67 -15.79
N GLY A 171 4.89 -46.95 -14.92
CA GLY A 171 5.18 -47.67 -13.69
C GLY A 171 4.29 -48.87 -13.52
N ARG A 172 4.85 -49.93 -12.94
CA ARG A 172 4.15 -51.19 -12.79
C ARG A 172 3.87 -51.45 -11.32
N LEU A 173 2.62 -51.81 -11.01
CA LEU A 173 2.20 -52.15 -9.65
C LEU A 173 1.86 -53.64 -9.63
N HIS A 174 2.74 -54.44 -9.04
CA HIS A 174 2.57 -55.88 -8.93
C HIS A 174 2.52 -56.25 -7.45
N TYR A 175 1.31 -56.33 -6.91
CA TYR A 175 1.10 -56.66 -5.51
C TYR A 175 0.07 -57.78 -5.40
N SER A 176 0.17 -58.55 -4.32
CA SER A 176 -0.76 -59.64 -4.05
C SER A 176 -1.07 -59.69 -2.56
N ILE A 177 -2.28 -60.17 -2.25
CA ILE A 177 -2.73 -60.28 -0.86
C ILE A 177 -3.75 -61.40 -0.78
N ASP A 178 -3.65 -62.19 0.28
CA ASP A 178 -4.62 -63.24 0.57
C ASP A 178 -5.26 -62.98 1.93
N PHE A 179 -6.51 -63.39 2.06
CA PHE A 179 -7.28 -63.11 3.27
C PHE A 179 -6.82 -63.98 4.43
N THR A 180 -5.62 -63.68 4.96
CA THR A 180 -5.12 -64.42 6.12
C THR A 180 -5.81 -64.01 7.41
N LYS A 181 -6.22 -62.74 7.52
CA LYS A 181 -6.88 -62.25 8.72
C LYS A 181 -8.32 -61.84 8.41
N GLY A 184 -0.56 -58.00 2.68
CA GLY A 184 -0.70 -57.25 1.44
C GLY A 184 0.58 -56.94 0.67
N TYR A 185 1.62 -57.71 0.97
CA TYR A 185 2.97 -57.40 0.49
C TYR A 185 2.98 -57.24 -1.02
N GLY A 186 3.72 -56.23 -1.48
CA GLY A 186 3.80 -55.95 -2.90
C GLY A 186 5.17 -55.45 -3.29
N ARG A 187 5.46 -55.57 -4.58
CA ARG A 187 6.72 -55.11 -5.16
C ARG A 187 6.42 -54.08 -6.24
N ILE A 188 7.14 -52.97 -6.22
CA ILE A 188 6.98 -51.90 -7.20
C ILE A 188 8.32 -51.67 -7.88
N GLU A 189 8.31 -51.65 -9.21
CA GLU A 189 9.51 -51.46 -10.01
C GLU A 189 9.11 -50.68 -11.26
N HIS A 190 9.98 -50.70 -12.27
CA HIS A 190 9.78 -49.95 -13.51
C HIS A 190 9.62 -48.45 -13.22
N LEU A 191 10.70 -47.87 -12.70
CA LEU A 191 10.72 -46.46 -12.34
C LEU A 191 12.16 -45.95 -12.39
N LYS A 192 12.30 -44.62 -12.30
CA LYS A 192 13.62 -44.03 -12.23
C LYS A 192 14.36 -44.48 -10.97
N THR A 193 13.66 -44.56 -9.86
CA THR A 193 14.26 -45.01 -8.61
C THR A 193 14.77 -46.43 -8.75
N LEU A 194 16.02 -46.65 -8.32
CA LEU A 194 16.59 -47.99 -8.35
C LEU A 194 15.95 -48.87 -7.27
N GLU A 195 15.88 -50.16 -7.55
CA GLU A 195 15.26 -51.13 -6.65
C GLU A 195 13.82 -50.73 -6.29
N VAL A 198 11.15 -50.53 -4.55
CA VAL A 198 10.34 -50.22 -3.38
C VAL A 198 9.36 -51.37 -3.11
N GLU A 199 9.26 -51.77 -1.84
CA GLU A 199 8.50 -52.94 -1.45
C GLU A 199 7.43 -52.54 -0.45
N LEU A 200 6.18 -52.89 -0.75
CA LEU A 200 5.09 -52.62 0.18
C LEU A 200 5.12 -53.69 1.26
N ALA A 201 5.04 -53.26 2.52
CA ALA A 201 5.13 -54.19 3.64
C ALA A 201 3.75 -54.72 4.00
N ALA A 202 3.64 -56.05 4.13
CA ALA A 202 2.36 -56.68 4.41
C ALA A 202 1.88 -56.33 5.82
N ALA A 203 0.55 -56.25 5.97
CA ALA A 203 -0.07 -55.95 7.25
C ALA A 203 -1.51 -56.44 7.21
N GLU A 204 -2.22 -56.25 8.32
CA GLU A 204 -3.62 -56.62 8.40
C GLU A 204 -4.50 -55.53 7.79
N LEU A 205 -5.80 -55.84 7.70
CA LEU A 205 -6.78 -54.92 7.15
C LEU A 205 -8.01 -54.88 8.05
N LYS A 206 -8.70 -53.75 8.04
CA LYS A 206 -9.89 -53.56 8.85
C LYS A 206 -10.70 -52.41 8.28
N ALA A 207 -11.91 -52.23 8.81
CA ALA A 207 -12.74 -51.09 8.43
C ALA A 207 -12.09 -49.78 8.86
N ASP A 208 -11.53 -49.74 10.06
CA ASP A 208 -10.80 -48.57 10.57
C ASP A 208 -11.66 -47.31 10.51
N GLU A 209 -12.95 -47.46 10.84
CA GLU A 209 -13.91 -46.37 10.94
C GLU A 209 -14.22 -45.78 9.57
N LYS A 210 -13.57 -46.28 8.52
CA LYS A 210 -13.90 -45.89 7.15
C LYS A 210 -14.93 -46.83 6.54
N SER A 211 -15.36 -47.85 7.27
CA SER A 211 -16.36 -48.83 6.82
C SER A 211 -15.86 -49.63 5.63
N HIS A 212 -14.61 -49.41 5.22
CA HIS A 212 -14.02 -50.08 4.06
C HIS A 212 -12.66 -50.64 4.44
N ALA A 213 -12.34 -51.78 3.86
CA ALA A 213 -11.05 -52.42 4.12
C ALA A 213 -9.91 -51.54 3.65
N VAL A 214 -8.90 -51.38 4.51
CA VAL A 214 -7.74 -50.55 4.22
C VAL A 214 -6.49 -51.34 4.53
N ILE A 215 -5.52 -51.32 3.62
CA ILE A 215 -4.26 -52.04 3.83
C ILE A 215 -3.40 -51.30 4.85
N LEU A 216 -3.18 -50.01 4.64
CA LEU A 216 -2.37 -49.18 5.53
C LEU A 216 -0.98 -49.77 5.74
N GLY A 217 -0.37 -50.23 4.65
CA GLY A 217 0.93 -50.86 4.70
C GLY A 217 2.05 -49.84 4.86
N ASP A 218 3.27 -50.34 4.68
CA ASP A 218 4.47 -49.53 4.80
C ASP A 218 5.29 -49.60 3.51
N THR A 219 6.37 -48.84 3.48
CA THR A 219 7.27 -48.79 2.33
C THR A 219 8.71 -48.95 2.80
N ARG A 220 9.46 -49.77 2.08
CA ARG A 220 10.86 -50.02 2.43
C ARG A 220 11.79 -49.54 1.32
N LYS A 226 10.36 -47.11 7.59
CA LYS A 226 11.03 -46.05 6.83
C LYS A 226 10.15 -45.54 5.70
N GLY A 227 8.85 -45.74 5.84
CA GLY A 227 7.92 -45.30 4.81
C GLY A 227 6.49 -45.50 5.25
N SER A 228 5.57 -45.25 4.32
CA SER A 228 4.15 -45.41 4.59
C SER A 228 3.40 -45.56 3.28
N TYR A 229 2.51 -46.56 3.22
CA TYR A 229 1.70 -46.82 2.04
C TYR A 229 0.26 -47.05 2.47
N HIS A 230 -0.67 -46.76 1.56
CA HIS A 230 -2.09 -46.94 1.82
C HIS A 230 -2.76 -47.41 0.55
N LEU A 231 -3.44 -48.56 0.60
CA LEU A 231 -4.17 -49.11 -0.52
C LEU A 231 -5.58 -49.44 -0.07
N ALA A 232 -6.56 -49.00 -0.85
CA ALA A 232 -7.98 -49.19 -0.52
C ALA A 232 -8.61 -50.15 -1.52
N LEU A 233 -9.30 -51.16 -1.01
CA LEU A 233 -9.95 -52.15 -1.85
C LEU A 233 -11.25 -51.60 -2.44
N PHE A 234 -11.60 -52.10 -3.63
CA PHE A 234 -12.80 -51.66 -4.32
C PHE A 234 -13.22 -52.72 -5.32
N GLY A 235 -14.52 -52.78 -5.59
CA GLY A 235 -15.05 -53.69 -6.59
C GLY A 235 -15.58 -54.99 -6.03
N ASP A 236 -15.41 -56.08 -6.77
CA ASP A 236 -15.86 -57.39 -6.35
C ASP A 236 -14.69 -58.22 -5.83
N ALA A 242 -6.07 -49.08 -6.36
CA ALA A 242 -6.29 -47.79 -5.73
C ALA A 242 -5.43 -47.64 -4.48
N GLY A 243 -4.48 -46.72 -4.52
CA GLY A 243 -3.61 -46.52 -3.38
C GLY A 243 -2.63 -45.38 -3.62
N SER A 244 -1.90 -45.06 -2.56
CA SER A 244 -0.88 -44.01 -2.57
C SER A 244 0.25 -44.42 -1.64
N ALA A 245 1.48 -44.15 -2.05
CA ALA A 245 2.65 -44.56 -1.29
C ALA A 245 3.61 -43.39 -1.10
N GLU A 246 4.20 -43.32 0.08
CA GLU A 246 5.19 -42.28 0.41
C GLU A 246 6.51 -42.96 0.70
N VAL A 247 7.56 -42.53 -0.01
CA VAL A 247 8.91 -43.07 0.15
C VAL A 247 9.87 -41.92 0.37
N LYS A 248 10.91 -42.17 1.17
CA LYS A 248 11.92 -41.17 1.49
C LYS A 248 13.28 -41.69 1.05
N THR A 249 13.84 -41.09 0.01
CA THR A 249 15.17 -41.42 -0.46
C THR A 249 16.15 -40.32 -0.05
N VAL A 250 17.41 -40.49 -0.45
CA VAL A 250 18.44 -39.52 -0.10
C VAL A 250 18.19 -38.20 -0.84
N ASN A 251 17.82 -38.27 -2.12
CA ASN A 251 17.64 -37.05 -2.90
C ASN A 251 16.43 -36.25 -2.43
N SER A 252 15.29 -36.91 -2.26
CA SER A 252 14.08 -36.25 -1.81
C SER A 252 13.07 -37.33 -1.43
N ILE A 253 11.97 -36.89 -0.80
CA ILE A 253 10.88 -37.78 -0.44
C ILE A 253 9.97 -37.91 -1.65
N HIS A 254 9.99 -39.06 -2.30
CA HIS A 254 9.24 -39.28 -3.54
C HIS A 254 7.85 -39.84 -3.23
N HIS A 255 6.85 -39.30 -3.93
CA HIS A 255 5.47 -39.75 -3.79
C HIS A 255 5.15 -40.70 -4.94
N ILE A 256 4.68 -41.89 -4.60
CA ILE A 256 4.31 -42.90 -5.59
C ILE A 256 2.86 -43.30 -5.37
N GLY A 257 2.24 -43.78 -6.44
CA GLY A 257 0.84 -44.18 -6.38
C GLY A 257 0.62 -45.63 -6.76
N ILE A 258 -0.51 -46.18 -6.35
CA ILE A 258 -0.82 -47.59 -6.58
C ILE A 258 -2.13 -47.68 -7.36
N ALA A 259 -2.13 -48.50 -8.40
CA ALA A 259 -3.32 -48.72 -9.22
C ALA A 259 -3.20 -50.01 -10.01
N GLN B 20 -16.88 0.34 3.71
CA GLN B 20 -15.79 0.36 2.73
C GLN B 20 -14.47 0.22 3.48
N VAL B 21 -13.39 -0.03 2.73
CA VAL B 21 -12.06 -0.16 3.33
C VAL B 21 -11.64 1.19 3.91
N GLN B 22 -11.43 1.23 5.22
CA GLN B 22 -10.98 2.44 5.88
C GLN B 22 -9.89 2.07 6.87
N MET B 23 -8.80 2.84 6.87
CA MET B 23 -7.67 2.61 7.77
C MET B 23 -7.39 3.90 8.53
N GLN B 24 -7.63 3.86 9.83
CA GLN B 24 -7.64 5.03 10.69
C GLN B 24 -6.31 5.13 11.42
N GLN B 25 -5.68 6.30 11.35
CA GLN B 25 -4.44 6.54 12.07
C GLN B 25 -4.59 7.78 12.94
N PRO B 26 -3.99 7.78 14.14
CA PRO B 26 -3.96 9.01 14.94
C PRO B 26 -3.26 10.12 14.16
N GLY B 27 -3.81 11.33 14.27
CA GLY B 27 -3.30 12.44 13.48
C GLY B 27 -1.88 12.82 13.83
N ALA B 28 -1.56 12.83 15.13
CA ALA B 28 -0.24 13.24 15.57
C ALA B 28 0.03 12.65 16.94
N GLU B 29 1.31 12.66 17.33
CA GLU B 29 1.72 12.19 18.64
C GLU B 29 3.06 12.83 18.99
N LEU B 30 3.13 13.42 20.19
CA LEU B 30 4.34 14.05 20.71
C LEU B 30 4.85 13.26 21.90
N VAL B 31 6.15 12.97 21.92
CA VAL B 31 6.79 12.33 23.06
C VAL B 31 8.18 12.90 23.28
N LYS B 32 8.66 12.72 24.51
CA LYS B 32 9.99 13.17 24.88
C LYS B 32 11.04 12.24 24.27
N PRO B 33 12.21 12.79 23.90
CA PRO B 33 13.27 11.95 23.35
C PRO B 33 13.75 10.90 24.34
N GLY B 34 14.17 9.76 23.81
CA GLY B 34 14.61 8.65 24.61
C GLY B 34 13.52 7.71 25.07
N ALA B 35 12.26 8.04 24.80
CA ALA B 35 11.12 7.24 25.21
C ALA B 35 10.69 6.31 24.08
N SER B 36 9.55 5.67 24.26
CA SER B 36 9.00 4.73 23.29
C SER B 36 7.57 5.12 22.93
N VAL B 37 7.14 4.70 21.75
CA VAL B 37 5.81 5.03 21.24
C VAL B 37 5.29 3.85 20.45
N LYS B 38 3.99 3.58 20.55
CA LYS B 38 3.34 2.46 19.89
C LYS B 38 2.26 3.01 18.96
N LEU B 39 2.58 3.18 17.68
CA LEU B 39 1.62 3.66 16.69
C LEU B 39 0.63 2.57 16.33
N SER B 40 -0.64 2.95 16.17
CA SER B 40 -1.69 2.00 15.78
C SER B 40 -2.24 2.36 14.42
N CYS B 41 -2.81 1.35 13.76
CA CYS B 41 -3.47 1.52 12.46
C CYS B 41 -4.66 0.55 12.46
N LYS B 42 -5.85 1.10 12.68
CA LYS B 42 -7.07 0.29 12.67
C LYS B 42 -7.49 0.00 11.24
N ALA B 43 -8.28 -1.05 11.08
CA ALA B 43 -8.72 -1.51 9.75
C ALA B 43 -10.21 -1.77 9.76
N SER B 44 -10.82 -1.58 8.59
CA SER B 44 -12.25 -1.80 8.42
C SER B 44 -12.54 -2.08 6.96
N GLY B 45 -13.58 -2.88 6.72
CA GLY B 45 -14.09 -3.06 5.37
C GLY B 45 -13.40 -4.11 4.52
N TYR B 46 -12.60 -5.00 5.11
CA TYR B 46 -12.01 -6.08 4.35
C TYR B 46 -11.55 -7.18 5.30
N THR B 47 -11.31 -8.36 4.75
CA THR B 47 -10.92 -9.53 5.52
C THR B 47 -9.50 -9.33 6.03
N PHE B 48 -9.39 -8.84 7.27
CA PHE B 48 -8.13 -8.31 7.78
C PHE B 48 -7.02 -9.34 7.82
N ILE B 49 -7.36 -10.62 8.07
CA ILE B 49 -6.33 -11.64 8.23
C ILE B 49 -5.64 -11.96 6.92
N SER B 50 -6.27 -11.66 5.78
CA SER B 50 -5.70 -12.02 4.49
C SER B 50 -4.65 -11.03 3.99
N TYR B 51 -4.48 -9.90 4.66
CA TYR B 51 -3.64 -8.82 4.16
C TYR B 51 -2.46 -8.57 5.09
N TRP B 52 -1.26 -8.49 4.51
CA TRP B 52 -0.11 -8.03 5.27
C TRP B 52 -0.27 -6.54 5.59
N MET B 53 0.57 -6.07 6.51
CA MET B 53 0.55 -4.66 6.91
C MET B 53 1.95 -4.11 6.83
N HIS B 54 2.16 -3.14 5.94
CA HIS B 54 3.45 -2.48 5.76
C HIS B 54 3.44 -1.12 6.44
N TRP B 55 4.63 -0.67 6.84
CA TRP B 55 4.80 0.63 7.46
C TRP B 55 5.84 1.41 6.68
N VAL B 56 5.53 2.69 6.43
CA VAL B 56 6.37 3.56 5.62
C VAL B 56 6.63 4.84 6.40
N LYS B 57 7.90 5.28 6.41
CA LYS B 57 8.26 6.56 7.00
C LYS B 57 8.53 7.58 5.90
N GLN B 58 7.92 8.75 6.03
CA GLN B 58 8.25 9.90 5.20
C GLN B 58 8.67 11.04 6.11
N ARG B 59 9.97 11.31 6.14
CA ARG B 59 10.53 12.37 6.94
C ARG B 59 10.12 13.73 6.36
N PRO B 60 10.23 14.82 7.15
CA PRO B 60 9.93 16.13 6.57
C PRO B 60 10.98 16.52 5.54
N GLY B 61 10.51 17.04 4.41
CA GLY B 61 11.37 17.20 3.27
C GLY B 61 11.01 16.22 2.17
N ARG B 62 11.81 15.18 1.99
CA ARG B 62 11.55 14.19 0.96
C ARG B 62 12.10 12.84 1.38
N GLY B 63 11.54 11.78 0.76
CA GLY B 63 12.03 10.44 0.98
C GLY B 63 11.04 9.50 1.64
N LEU B 64 10.71 8.41 0.96
CA LEU B 64 9.84 7.36 1.50
C LEU B 64 10.70 6.12 1.77
N GLU B 65 10.77 5.71 3.03
CA GLU B 65 11.47 4.49 3.42
C GLU B 65 10.47 3.42 3.77
N TRP B 66 10.71 2.20 3.27
CA TRP B 66 9.91 1.05 3.68
C TRP B 66 10.55 0.41 4.90
N ILE B 67 9.74 0.15 5.92
CA ILE B 67 10.24 -0.30 7.22
C ILE B 67 10.09 -1.81 7.35
N GLY B 68 8.86 -2.29 7.29
CA GLY B 68 8.62 -3.72 7.44
C GLY B 68 7.18 -4.07 7.21
N ARG B 69 6.96 -5.36 7.01
CA ARG B 69 5.62 -5.93 6.86
C ARG B 69 5.37 -6.94 7.97
N ILE B 70 4.12 -7.04 8.39
CA ILE B 70 3.70 -8.03 9.37
C ILE B 70 2.48 -8.78 8.85
N ALA B 71 2.47 -10.09 9.03
CA ALA B 71 1.38 -10.93 8.55
C ALA B 71 0.49 -11.32 9.72
N PRO B 72 -0.75 -10.82 9.80
CA PRO B 72 -1.65 -11.25 10.88
C PRO B 72 -2.05 -12.72 10.80
N ASP B 73 -1.81 -13.39 9.67
CA ASP B 73 -2.15 -14.81 9.56
C ASP B 73 -1.00 -15.71 10.00
N THR B 74 0.23 -15.40 9.59
CA THR B 74 1.39 -16.22 9.93
C THR B 74 2.17 -15.69 11.12
N GLY B 75 2.01 -14.42 11.47
CA GLY B 75 2.75 -13.83 12.57
C GLY B 75 4.18 -13.46 12.26
N ILE B 76 4.59 -13.55 11.00
CA ILE B 76 5.97 -13.30 10.60
C ILE B 76 6.17 -11.83 10.30
N ILE B 77 7.33 -11.30 10.69
CA ILE B 77 7.72 -9.93 10.40
C ILE B 77 8.96 -9.97 9.52
N TYR B 78 8.86 -9.34 8.35
CA TYR B 78 10.02 -9.03 7.53
C TYR B 78 10.32 -7.55 7.71
N TYR B 79 11.57 -7.22 7.97
CA TYR B 79 11.94 -5.87 8.37
C TYR B 79 13.14 -5.38 7.57
N ASN B 80 13.25 -4.06 7.45
CA ASN B 80 14.45 -3.43 6.91
C ASN B 80 15.50 -3.38 8.00
N GLU B 81 16.74 -3.77 7.65
CA GLU B 81 17.82 -3.83 8.65
C GLU B 81 18.04 -2.48 9.32
N LYS B 82 17.81 -1.38 8.60
CA LYS B 82 17.96 -0.05 9.18
C LYS B 82 17.04 0.18 10.37
N PHE B 83 15.91 -0.54 10.43
CA PHE B 83 14.94 -0.42 11.51
C PHE B 83 14.84 -1.70 12.33
N LYS B 84 15.93 -2.47 12.40
CA LYS B 84 15.89 -3.74 13.12
C LYS B 84 15.68 -3.52 14.62
N ASN B 85 16.46 -2.64 15.23
CA ASN B 85 16.34 -2.32 16.65
C ASN B 85 15.48 -1.09 16.91
N LYS B 86 14.94 -0.47 15.87
CA LYS B 86 14.13 0.74 16.02
C LYS B 86 12.64 0.45 16.01
N ALA B 87 12.20 -0.58 15.28
CA ALA B 87 10.78 -0.84 15.08
C ALA B 87 10.41 -2.22 15.60
N THR B 88 9.21 -2.31 16.17
CA THR B 88 8.64 -3.56 16.66
C THR B 88 7.20 -3.65 16.19
N LEU B 89 6.91 -4.65 15.37
CA LEU B 89 5.62 -4.80 14.71
C LEU B 89 4.79 -5.88 15.39
N THR B 90 3.58 -5.51 15.82
CA THR B 90 2.62 -6.44 16.42
C THR B 90 1.26 -6.23 15.78
N VAL B 91 0.41 -7.24 15.91
CA VAL B 91 -0.92 -7.22 15.29
C VAL B 91 -1.93 -7.87 16.24
N ASP B 92 -3.15 -7.34 16.24
CA ASP B 92 -4.27 -7.92 16.96
C ASP B 92 -5.39 -8.17 15.96
N THR B 93 -5.51 -9.42 15.52
CA THR B 93 -6.58 -9.78 14.58
C THR B 93 -7.98 -9.51 15.13
N PRO B 94 -8.31 -9.81 16.39
CA PRO B 94 -9.67 -9.50 16.87
C PRO B 94 -10.07 -8.04 16.71
N SER B 95 -9.21 -7.11 17.11
CA SER B 95 -9.53 -5.69 16.97
C SER B 95 -9.26 -5.16 15.57
N SER B 96 -8.68 -5.99 14.69
CA SER B 96 -8.33 -5.58 13.33
C SER B 96 -7.45 -4.34 13.34
N THR B 97 -6.46 -4.34 14.23
CA THR B 97 -5.53 -3.23 14.36
C THR B 97 -4.10 -3.76 14.36
N ALA B 98 -3.23 -3.07 13.65
CA ALA B 98 -1.80 -3.35 13.66
C ALA B 98 -1.07 -2.22 14.38
N TYR B 99 -0.02 -2.59 15.10
CA TYR B 99 0.73 -1.63 15.91
C TYR B 99 2.18 -1.59 15.45
N MET B 100 2.87 -0.54 15.88
CA MET B 100 4.28 -0.35 15.55
C MET B 100 4.93 0.45 16.65
N GLN B 101 5.85 -0.17 17.38
CA GLN B 101 6.48 0.44 18.53
C GLN B 101 7.87 0.95 18.15
N LEU B 102 8.09 2.24 18.33
CA LEU B 102 9.39 2.87 18.08
C LEU B 102 10.12 3.05 19.41
N ASN B 103 11.42 2.76 19.41
CA ASN B 103 12.19 2.61 20.63
C ASN B 103 13.38 3.55 20.66
N SER B 104 13.72 4.02 21.85
CA SER B 104 14.87 4.90 22.09
C SER B 104 14.89 6.05 21.10
N LEU B 105 13.81 6.81 21.10
CA LEU B 105 13.55 7.77 20.05
C LEU B 105 14.55 8.92 20.08
N THR B 106 15.09 9.25 18.91
CA THR B 106 16.01 10.37 18.72
C THR B 106 15.31 11.46 17.89
N SER B 107 16.07 12.51 17.59
CA SER B 107 15.51 13.62 16.82
C SER B 107 15.28 13.23 15.36
N GLU B 108 16.09 12.30 14.83
CA GLU B 108 15.96 11.88 13.44
C GLU B 108 14.77 10.96 13.20
N ASP B 109 13.96 10.70 14.22
CA ASP B 109 12.74 9.93 14.07
C ASP B 109 11.49 10.79 13.95
N SER B 110 11.64 12.12 14.01
CA SER B 110 10.52 13.03 13.78
C SER B 110 10.06 12.90 12.33
N ALA B 111 8.92 12.27 12.10
CA ALA B 111 8.50 11.98 10.73
C ALA B 111 7.03 11.59 10.72
N VAL B 112 6.53 11.33 9.52
CA VAL B 112 5.18 10.81 9.29
C VAL B 112 5.31 9.33 8.99
N TYR B 113 4.42 8.54 9.59
CA TYR B 113 4.43 7.09 9.43
C TYR B 113 3.09 6.64 8.87
N TYR B 114 3.15 5.85 7.79
CA TYR B 114 1.98 5.34 7.11
C TYR B 114 1.87 3.83 7.28
N CYS B 115 0.64 3.34 7.29
CA CYS B 115 0.34 1.93 7.11
C CYS B 115 -0.29 1.70 5.75
N ALA B 116 -0.15 0.49 5.24
CA ALA B 116 -0.68 0.16 3.92
C ALA B 116 -0.96 -1.34 3.86
N ARG B 117 -2.10 -1.70 3.28
CA ARG B 117 -2.48 -3.09 3.15
C ARG B 117 -1.76 -3.73 1.96
N TYR B 118 -1.62 -5.06 2.03
CA TYR B 118 -0.87 -5.79 1.00
C TYR B 118 -1.35 -7.23 1.05
N LEU B 119 -2.21 -7.61 0.09
CA LEU B 119 -2.76 -8.96 0.07
C LEU B 119 -1.64 -9.99 0.01
N LYS B 120 -1.74 -11.01 0.86
CA LYS B 120 -0.74 -12.07 0.91
C LYS B 120 -0.65 -12.87 -0.38
N TYR B 121 -1.51 -12.59 -1.36
CA TYR B 121 -1.59 -13.35 -2.60
C TYR B 121 -1.18 -12.47 -3.77
N ASP B 122 -0.54 -13.10 -4.76
CA ASP B 122 -0.14 -12.43 -5.98
C ASP B 122 -1.27 -12.48 -7.00
N GLY B 123 -1.39 -11.41 -7.79
CA GLY B 123 -2.37 -11.35 -8.86
C GLY B 123 -3.61 -10.53 -8.57
N SER B 124 -3.62 -9.73 -7.52
CA SER B 124 -4.76 -8.89 -7.20
C SER B 124 -4.42 -7.42 -7.44
N THR B 125 -5.45 -6.58 -7.37
CA THR B 125 -5.29 -5.13 -7.34
C THR B 125 -5.37 -4.60 -5.91
N TYR B 126 -4.92 -5.39 -4.94
CA TYR B 126 -5.09 -5.11 -3.52
C TYR B 126 -3.74 -5.02 -2.81
N ARG B 127 -2.78 -4.31 -3.40
CA ARG B 127 -1.47 -4.12 -2.79
C ARG B 127 -1.12 -2.64 -2.84
N PHE B 128 -0.97 -2.03 -1.67
CA PHE B 128 -0.72 -0.60 -1.52
C PHE B 128 -1.79 0.26 -2.20
N ASP B 129 -3.00 -0.29 -2.36
CA ASP B 129 -4.09 0.44 -2.97
C ASP B 129 -4.87 1.29 -1.98
N TYR B 130 -4.63 1.13 -0.68
CA TYR B 130 -5.25 1.97 0.34
C TYR B 130 -4.21 2.31 1.38
N TRP B 131 -4.07 3.60 1.69
CA TRP B 131 -3.04 4.10 2.58
C TRP B 131 -3.68 4.88 3.72
N GLY B 132 -3.11 4.72 4.91
CA GLY B 132 -3.58 5.49 6.06
C GLY B 132 -3.27 6.96 5.89
N GLN B 133 -4.07 7.78 6.56
CA GLN B 133 -3.90 9.23 6.44
C GLN B 133 -2.55 9.70 6.96
N GLY B 134 -1.85 8.87 7.71
CA GLY B 134 -0.55 9.21 8.24
C GLY B 134 -0.60 9.62 9.68
N THR B 135 0.47 9.34 10.42
CA THR B 135 0.63 9.77 11.80
C THR B 135 1.86 10.66 11.87
N THR B 136 1.64 11.93 12.22
CA THR B 136 2.73 12.89 12.33
C THR B 136 3.34 12.76 13.72
N LEU B 137 4.49 12.10 13.79
CA LEU B 137 5.16 11.87 15.06
C LEU B 137 6.23 12.94 15.25
N THR B 138 6.06 13.77 16.28
CA THR B 138 7.03 14.79 16.65
C THR B 138 7.65 14.37 17.98
N VAL B 139 8.97 14.27 18.01
CA VAL B 139 9.69 13.90 19.23
C VAL B 139 10.54 15.09 19.66
N SER B 140 10.22 15.65 20.82
CA SER B 140 10.91 16.83 21.34
C SER B 140 10.58 16.96 22.82
N SER B 141 11.39 17.77 23.51
CA SER B 141 11.20 17.98 24.94
C SER B 141 10.14 19.02 25.26
N ALA B 142 9.63 19.72 24.26
CA ALA B 142 8.63 20.76 24.49
C ALA B 142 7.27 20.12 24.82
N LYS B 143 6.27 20.97 25.03
CA LYS B 143 4.94 20.54 25.42
C LYS B 143 3.91 21.06 24.41
N THR B 144 2.79 20.34 24.30
CA THR B 144 1.77 20.69 23.33
C THR B 144 1.08 22.00 23.71
N THR B 145 0.94 22.89 22.73
CA THR B 145 0.24 24.14 22.92
C THR B 145 -0.93 24.22 21.95
N PRO B 146 -2.17 24.33 22.43
CA PRO B 146 -3.30 24.50 21.51
C PRO B 146 -3.15 25.78 20.73
N PRO B 147 -3.65 25.81 19.49
CA PRO B 147 -3.44 27.00 18.65
C PRO B 147 -4.28 28.18 19.13
N SER B 148 -3.79 29.37 18.80
CA SER B 148 -4.58 30.60 18.93
C SER B 148 -5.06 30.99 17.55
N VAL B 149 -6.38 31.10 17.38
CA VAL B 149 -6.99 31.33 16.08
C VAL B 149 -7.57 32.74 16.07
N TYR B 150 -7.16 33.54 15.09
CA TYR B 150 -7.64 34.91 14.93
C TYR B 150 -8.14 35.09 13.50
N PRO B 151 -9.41 35.44 13.30
CA PRO B 151 -9.89 35.70 11.94
C PRO B 151 -9.27 36.97 11.38
N LEU B 152 -8.80 36.89 10.13
CA LEU B 152 -8.23 38.04 9.44
C LEU B 152 -9.27 38.59 8.47
N ALA B 153 -9.72 39.82 8.71
CA ALA B 153 -10.74 40.46 7.92
C ALA B 153 -10.29 41.86 7.53
N PRO B 154 -10.76 42.38 6.38
CA PRO B 154 -10.35 43.71 5.90
C PRO B 154 -10.75 44.85 6.83
N SER B 162 -15.25 42.66 -6.63
CA SER B 162 -16.24 41.60 -6.82
C SER B 162 -15.88 40.37 -6.00
N SER B 163 -14.60 40.24 -5.66
CA SER B 163 -14.10 39.13 -4.84
C SER B 163 -13.58 39.68 -3.52
N VAL B 164 -13.80 38.94 -2.44
CA VAL B 164 -13.38 39.32 -1.10
C VAL B 164 -12.39 38.29 -0.60
N THR B 165 -11.25 38.76 -0.10
CA THR B 165 -10.25 37.89 0.50
C THR B 165 -10.40 37.92 2.02
N LEU B 166 -10.55 36.74 2.61
CA LEU B 166 -10.65 36.61 4.06
C LEU B 166 -9.57 35.66 4.55
N GLY B 167 -8.96 35.99 5.68
CA GLY B 167 -7.88 35.22 6.25
C GLY B 167 -8.25 34.55 7.56
N CYS B 168 -7.29 33.77 8.07
CA CYS B 168 -7.44 33.10 9.35
C CYS B 168 -6.05 32.81 9.88
N LEU B 169 -5.66 33.47 10.97
CA LEU B 169 -4.34 33.30 11.55
C LEU B 169 -4.39 32.22 12.63
N VAL B 170 -3.52 31.22 12.51
CA VAL B 170 -3.41 30.14 13.48
C VAL B 170 -2.01 30.20 14.05
N LYS B 171 -1.85 30.92 15.16
CA LYS B 171 -0.55 31.28 15.69
C LYS B 171 -0.24 30.51 16.97
N GLY B 172 1.06 30.27 17.18
CA GLY B 172 1.56 29.77 18.44
C GLY B 172 1.06 28.41 18.88
N TYR B 173 1.07 27.43 17.97
CA TYR B 173 0.71 26.07 18.32
C TYR B 173 1.93 25.16 18.20
N PHE B 174 1.85 24.01 18.87
CA PHE B 174 2.90 23.00 18.81
C PHE B 174 2.31 21.69 19.32
N PRO B 175 2.62 20.55 18.67
CA PRO B 175 3.39 20.53 17.43
C PRO B 175 2.51 20.46 16.19
N GLU B 176 3.14 20.34 15.02
CA GLU B 176 2.41 20.12 13.80
C GLU B 176 1.74 18.75 13.85
N PRO B 177 0.66 18.55 13.08
CA PRO B 177 0.03 19.49 12.16
C PRO B 177 -1.26 20.10 12.67
N VAL B 178 -1.90 20.90 11.81
CA VAL B 178 -3.23 21.42 12.04
C VAL B 178 -4.05 21.20 10.77
N THR B 179 -5.36 21.35 10.89
CA THR B 179 -6.29 21.13 9.78
C THR B 179 -7.20 22.35 9.67
N VAL B 180 -6.77 23.32 8.86
CA VAL B 180 -7.59 24.50 8.59
C VAL B 180 -8.62 24.16 7.52
N THR B 181 -9.85 24.59 7.73
CA THR B 181 -10.95 24.29 6.82
C THR B 181 -11.96 25.42 6.90
N TRP B 182 -12.62 25.69 5.78
CA TRP B 182 -13.57 26.78 5.68
C TRP B 182 -14.98 26.22 5.45
N ASN B 183 -15.92 26.66 6.29
CA ASN B 183 -17.33 26.27 6.18
C ASN B 183 -17.51 24.75 6.20
N SER B 184 -16.74 24.09 7.07
CA SER B 184 -16.82 22.64 7.27
C SER B 184 -16.51 21.87 5.99
N GLY B 185 -15.71 22.46 5.10
CA GLY B 185 -15.34 21.84 3.84
C GLY B 185 -16.23 22.21 2.67
N SER B 186 -17.35 22.89 2.92
CA SER B 186 -18.21 23.30 1.81
C SER B 186 -17.51 24.29 0.90
N LEU B 187 -16.83 25.28 1.48
CA LEU B 187 -16.05 26.24 0.70
C LEU B 187 -14.65 25.67 0.52
N SER B 188 -14.37 25.19 -0.69
CA SER B 188 -13.11 24.49 -0.97
C SER B 188 -12.37 24.98 -2.20
N SER B 189 -12.93 25.91 -2.98
CA SER B 189 -12.27 26.47 -4.14
C SER B 189 -11.89 27.92 -3.85
N GLY B 190 -10.65 28.28 -4.17
CA GLY B 190 -10.11 29.56 -3.80
C GLY B 190 -9.42 29.59 -2.45
N VAL B 191 -9.34 28.47 -1.75
CA VAL B 191 -8.71 28.39 -0.44
C VAL B 191 -7.20 28.31 -0.62
N HIS B 192 -6.46 29.03 0.23
CA HIS B 192 -5.00 29.02 0.19
C HIS B 192 -4.49 28.88 1.63
N THR B 193 -4.16 27.64 2.02
CA THR B 193 -3.56 27.38 3.31
C THR B 193 -2.05 27.34 3.18
N PHE B 194 -1.35 28.06 4.04
CA PHE B 194 0.08 28.22 3.87
C PHE B 194 0.85 27.32 4.83
N PRO B 195 2.06 26.91 4.45
CA PRO B 195 2.88 26.08 5.35
C PRO B 195 3.28 26.84 6.61
N ALA B 196 3.50 26.07 7.68
CA ALA B 196 3.81 26.66 8.97
C ALA B 196 5.25 27.18 9.01
N VAL B 197 5.51 28.04 10.00
CA VAL B 197 6.83 28.59 10.25
C VAL B 197 7.19 28.34 11.70
N LEU B 198 8.39 27.83 11.94
CA LEU B 198 8.86 27.53 13.29
C LEU B 198 9.61 28.73 13.84
N GLN B 199 8.94 29.50 14.69
CA GLN B 199 9.55 30.66 15.34
C GLN B 199 9.33 30.56 16.84
N SER B 200 10.41 30.69 17.61
CA SER B 200 10.37 30.66 19.06
C SER B 200 9.71 29.38 19.58
N ASP B 201 10.11 28.26 18.98
CA ASP B 201 9.77 26.88 19.37
C ASP B 201 8.32 26.50 19.12
N LEU B 202 7.48 27.40 18.61
CA LEU B 202 6.10 27.09 18.29
C LEU B 202 5.82 27.42 16.82
N TYR B 203 4.75 26.82 16.30
CA TYR B 203 4.39 26.92 14.89
C TYR B 203 3.33 27.99 14.67
N THR B 204 3.18 28.40 13.41
CA THR B 204 2.21 29.41 13.03
C THR B 204 1.99 29.36 11.52
N LEU B 205 0.73 29.37 11.09
CA LEU B 205 0.38 29.47 9.68
C LEU B 205 -0.78 30.44 9.51
N SER B 206 -1.19 30.64 8.26
CA SER B 206 -2.36 31.43 7.93
C SER B 206 -3.04 30.80 6.72
N SER B 207 -4.33 31.11 6.54
CA SER B 207 -5.11 30.59 5.43
C SER B 207 -6.03 31.67 4.90
N SER B 208 -6.23 31.67 3.58
CA SER B 208 -7.10 32.62 2.90
C SER B 208 -8.19 31.91 2.12
N VAL B 209 -9.17 32.70 1.70
CA VAL B 209 -10.22 32.24 0.81
C VAL B 209 -10.76 33.45 0.06
N THR B 210 -11.08 33.25 -1.22
CA THR B 210 -11.69 34.30 -2.03
C THR B 210 -12.97 33.78 -2.68
N THR B 220 -21.54 34.42 7.57
CA THR B 220 -21.83 33.00 7.37
C THR B 220 -20.65 32.28 6.73
N VAL B 221 -19.44 32.77 6.99
CA VAL B 221 -18.20 32.13 6.56
C VAL B 221 -17.41 31.79 7.82
N THR B 222 -17.07 30.51 7.96
CA THR B 222 -16.53 29.99 9.21
C THR B 222 -15.17 29.33 8.98
N CYS B 223 -14.21 29.66 9.83
CA CYS B 223 -12.87 29.11 9.78
C CYS B 223 -12.76 27.97 10.78
N ASN B 224 -12.47 26.77 10.30
CA ASN B 224 -12.47 25.55 11.11
C ASN B 224 -11.04 25.04 11.24
N VAL B 225 -10.48 25.18 12.43
CA VAL B 225 -9.10 24.77 12.72
C VAL B 225 -9.13 23.64 13.73
N ALA B 226 -8.28 22.63 13.53
CA ALA B 226 -8.16 21.51 14.44
C ALA B 226 -6.68 21.23 14.72
N HIS B 227 -6.38 20.90 15.98
CA HIS B 227 -5.03 20.57 16.42
C HIS B 227 -5.08 19.20 17.08
N PRO B 228 -4.83 18.13 16.33
CA PRO B 228 -5.00 16.77 16.89
C PRO B 228 -4.08 16.48 18.07
N ALA B 229 -2.93 17.14 18.15
CA ALA B 229 -1.99 16.86 19.24
C ALA B 229 -2.56 17.28 20.59
N SER B 230 -3.15 18.48 20.66
CA SER B 230 -3.79 18.97 21.87
C SER B 230 -5.27 18.60 21.94
N SER B 231 -5.81 17.97 20.89
CA SER B 231 -7.22 17.59 20.81
C SER B 231 -8.12 18.81 20.95
N THR B 232 -7.93 19.77 20.03
CA THR B 232 -8.72 20.99 20.01
C THR B 232 -9.32 21.19 18.62
N LYS B 233 -10.57 21.63 18.60
CA LYS B 233 -11.22 22.11 17.38
C LYS B 233 -11.76 23.51 17.65
N VAL B 234 -11.44 24.45 16.76
CA VAL B 234 -11.84 25.84 16.90
C VAL B 234 -12.57 26.27 15.64
N ASP B 235 -13.78 26.81 15.82
CA ASP B 235 -14.58 27.32 14.72
C ASP B 235 -14.79 28.81 14.94
N LYS B 236 -14.19 29.63 14.09
CA LYS B 236 -14.27 31.08 14.20
C LYS B 236 -15.00 31.63 12.98
N LYS B 237 -15.99 32.48 13.21
CA LYS B 237 -16.74 33.13 12.15
C LYS B 237 -16.06 34.43 11.75
N LEU B 238 -16.09 34.73 10.45
CA LEU B 238 -15.47 35.93 9.89
C LEU B 238 -16.55 36.98 9.69
N VAL B 239 -16.47 38.06 10.47
CA VAL B 239 -17.45 39.14 10.40
C VAL B 239 -16.74 40.47 10.51
N PRO B 240 -17.33 41.52 9.91
CA PRO B 240 -16.79 42.89 9.99
C PRO B 240 -16.59 43.37 11.43
N ASP C 1 20.66 -4.29 -1.27
CA ASP C 1 19.32 -3.78 -1.51
C ASP C 1 19.18 -3.21 -2.91
N ILE C 2 17.99 -3.35 -3.50
CA ILE C 2 17.75 -2.81 -4.82
C ILE C 2 17.65 -1.29 -4.74
N VAL C 3 18.33 -0.61 -5.66
CA VAL C 3 18.42 0.85 -5.66
C VAL C 3 17.57 1.37 -6.81
N MET C 4 16.53 2.14 -6.50
CA MET C 4 15.66 2.74 -7.49
C MET C 4 16.08 4.19 -7.69
N THR C 5 16.40 4.54 -8.93
CA THR C 5 16.90 5.86 -9.27
C THR C 5 15.90 6.56 -10.19
N GLN C 6 15.50 7.76 -9.81
CA GLN C 6 14.68 8.64 -10.66
C GLN C 6 15.58 9.80 -11.06
N ALA C 7 16.19 9.70 -12.25
CA ALA C 7 17.21 10.66 -12.65
C ALA C 7 16.68 12.07 -12.68
N ALA C 8 15.49 12.27 -13.25
CA ALA C 8 14.91 13.61 -13.30
C ALA C 8 14.42 14.00 -11.92
N PRO C 9 14.95 15.07 -11.31
CA PRO C 9 14.38 15.52 -10.03
C PRO C 9 13.02 16.18 -10.21
N SER C 10 12.87 16.99 -11.25
CA SER C 10 11.59 17.58 -11.61
C SER C 10 11.53 17.70 -13.12
N VAL C 11 10.31 17.65 -13.67
CA VAL C 11 10.12 17.85 -15.10
C VAL C 11 9.07 18.95 -15.30
N PRO C 12 9.34 19.92 -16.16
CA PRO C 12 8.30 20.89 -16.55
C PRO C 12 7.48 20.37 -17.71
N VAL C 13 6.26 20.89 -17.81
CA VAL C 13 5.36 20.55 -18.90
C VAL C 13 4.26 21.60 -18.95
N THR C 14 3.76 21.86 -20.16
CA THR C 14 2.62 22.75 -20.38
C THR C 14 1.34 21.93 -20.44
N PRO C 15 0.24 22.46 -19.91
CA PRO C 15 -1.02 21.69 -19.92
C PRO C 15 -1.43 21.31 -21.34
N GLY C 16 -1.84 20.05 -21.50
CA GLY C 16 -2.25 19.52 -22.78
C GLY C 16 -1.19 18.70 -23.50
N GLU C 17 0.07 18.81 -23.10
CA GLU C 17 1.14 18.08 -23.76
C GLU C 17 1.33 16.71 -23.11
N SER C 18 2.42 16.02 -23.44
CA SER C 18 2.72 14.71 -22.91
C SER C 18 3.97 14.77 -22.05
N VAL C 19 3.98 13.99 -20.98
CA VAL C 19 5.10 13.94 -20.05
C VAL C 19 5.56 12.51 -19.87
N SER C 20 6.85 12.34 -19.55
CA SER C 20 7.43 11.03 -19.32
C SER C 20 8.29 11.09 -18.07
N ILE C 21 7.97 10.25 -17.09
CA ILE C 21 8.71 10.15 -15.84
C ILE C 21 9.37 8.77 -15.80
N SER C 22 10.67 8.74 -15.51
CA SER C 22 11.46 7.52 -15.66
C SER C 22 12.08 7.09 -14.33
N CYS C 23 12.48 5.83 -14.27
CA CYS C 23 12.99 5.22 -13.05
C CYS C 23 13.85 4.02 -13.44
N ARG C 24 15.04 3.91 -12.85
CA ARG C 24 15.97 2.83 -13.14
C ARG C 24 16.25 2.00 -11.90
N SER C 25 16.54 0.72 -12.09
CA SER C 25 16.75 -0.21 -11.00
C SER C 25 18.16 -0.78 -11.04
N SER C 26 18.63 -1.23 -9.87
CA SER C 26 19.95 -1.84 -9.78
C SER C 26 19.97 -3.26 -10.32
N LYS C 27 18.84 -3.96 -10.23
CA LYS C 27 18.73 -5.33 -10.73
C LYS C 27 17.40 -5.47 -11.44
N SER C 28 17.33 -6.44 -12.36
CA SER C 28 16.08 -6.69 -13.08
C SER C 28 14.96 -7.00 -12.11
N LEU C 29 13.86 -6.26 -12.23
CA LEU C 29 12.68 -6.48 -11.42
C LEU C 29 11.79 -7.58 -11.97
N LEU C 30 12.26 -8.31 -12.98
CA LEU C 30 11.53 -9.45 -13.53
C LEU C 30 11.85 -10.69 -12.70
N HIS C 31 10.81 -11.31 -12.16
CA HIS C 31 10.92 -12.56 -11.43
C HIS C 31 10.88 -13.71 -12.42
N SER C 32 11.26 -14.91 -11.94
CA SER C 32 11.23 -16.09 -12.81
C SER C 32 9.81 -16.41 -13.27
N ASN C 33 8.80 -16.10 -12.45
CA ASN C 33 7.42 -16.26 -12.89
C ASN C 33 7.04 -15.36 -14.06
N GLY C 34 7.89 -14.43 -14.45
CA GLY C 34 7.62 -13.54 -15.55
C GLY C 34 6.95 -12.23 -15.17
N ASN C 35 6.50 -12.10 -13.93
CA ASN C 35 5.86 -10.86 -13.48
C ASN C 35 6.93 -9.87 -12.99
N THR C 36 6.86 -8.65 -13.52
CA THR C 36 7.72 -7.56 -13.09
C THR C 36 7.02 -6.81 -11.96
N TYR C 37 7.66 -6.78 -10.79
CA TYR C 37 7.06 -6.23 -9.57
C TYR C 37 7.53 -4.80 -9.40
N LEU C 38 6.80 -3.88 -10.02
CA LEU C 38 7.07 -2.45 -9.92
C LEU C 38 5.77 -1.69 -9.75
N PHE C 39 5.78 -0.71 -8.85
CA PHE C 39 4.66 0.16 -8.60
C PHE C 39 5.02 1.60 -8.96
N TRP C 40 4.03 2.38 -9.34
CA TRP C 40 4.18 3.82 -9.53
C TRP C 40 3.19 4.53 -8.62
N PHE C 41 3.66 5.56 -7.92
CA PHE C 41 2.87 6.24 -6.90
C PHE C 41 2.84 7.74 -7.15
N LEU C 42 1.72 8.37 -6.77
CA LEU C 42 1.57 9.82 -6.79
C LEU C 42 1.31 10.28 -5.37
N GLN C 43 2.15 11.18 -4.86
CA GLN C 43 1.96 11.79 -3.55
C GLN C 43 1.61 13.26 -3.75
N ARG C 44 0.36 13.61 -3.53
CA ARG C 44 -0.04 15.00 -3.56
C ARG C 44 0.27 15.65 -2.22
N PRO C 45 0.60 16.94 -2.21
CA PRO C 45 1.05 17.59 -0.97
C PRO C 45 0.04 17.45 0.17
N GLY C 46 0.55 17.06 1.33
CA GLY C 46 -0.30 16.86 2.50
C GLY C 46 -1.25 15.68 2.38
N GLN C 47 -0.89 14.66 1.61
CA GLN C 47 -1.75 13.51 1.38
C GLN C 47 -0.90 12.24 1.32
N SER C 48 -1.56 11.10 1.48
CA SER C 48 -0.85 9.83 1.44
C SER C 48 -0.54 9.42 0.01
N PRO C 49 0.52 8.64 -0.20
CA PRO C 49 0.83 8.16 -1.56
C PRO C 49 -0.31 7.34 -2.13
N GLN C 50 -0.55 7.50 -3.43
CA GLN C 50 -1.67 6.88 -4.11
C GLN C 50 -1.17 6.02 -5.25
N LEU C 51 -1.60 4.76 -5.29
CA LEU C 51 -1.17 3.84 -6.34
C LEU C 51 -1.72 4.29 -7.69
N LEU C 52 -0.84 4.32 -8.69
CA LEU C 52 -1.19 4.70 -10.05
C LEU C 52 -1.07 3.53 -11.03
N ILE C 53 0.09 2.88 -11.04
CA ILE C 53 0.39 1.81 -11.97
C ILE C 53 0.89 0.62 -11.18
N TYR C 54 0.47 -0.58 -11.56
CA TYR C 54 0.96 -1.81 -10.97
C TYR C 54 1.37 -2.77 -12.08
N ARG C 55 2.27 -3.69 -11.74
CA ARG C 55 2.85 -4.65 -12.69
C ARG C 55 3.44 -3.93 -13.90
N MET C 56 4.00 -2.73 -13.65
CA MET C 56 4.78 -1.94 -14.59
C MET C 56 3.96 -1.30 -15.71
N SER C 57 2.77 -1.83 -15.98
CA SER C 57 2.01 -1.32 -17.11
C SER C 57 0.52 -1.29 -16.87
N ASN C 58 0.06 -2.01 -15.85
CA ASN C 58 -1.38 -2.12 -15.61
C ASN C 58 -1.86 -0.93 -14.79
N LEU C 59 -2.91 -0.29 -15.27
CA LEU C 59 -3.48 0.86 -14.58
C LEU C 59 -4.28 0.39 -13.36
N ALA C 60 -4.26 1.19 -12.31
CA ALA C 60 -4.95 0.85 -11.08
C ALA C 60 -6.37 1.42 -11.08
N SER C 61 -7.24 0.78 -10.31
CA SER C 61 -8.64 1.22 -10.23
C SER C 61 -8.72 2.66 -9.76
N GLY C 62 -9.47 3.48 -10.50
CA GLY C 62 -9.63 4.89 -10.20
C GLY C 62 -8.60 5.79 -10.84
N VAL C 63 -7.59 5.24 -11.50
CA VAL C 63 -6.54 6.04 -12.13
C VAL C 63 -6.98 6.43 -13.54
N PRO C 64 -6.88 7.70 -13.92
CA PRO C 64 -7.38 8.14 -15.23
C PRO C 64 -6.65 7.47 -16.38
N ASP C 65 -7.34 7.40 -17.53
CA ASP C 65 -6.77 6.79 -18.73
C ASP C 65 -5.53 7.53 -19.21
N ARG C 66 -5.33 8.79 -18.81
CA ARG C 66 -4.15 9.54 -19.24
C ARG C 66 -2.87 8.85 -18.79
N PHE C 67 -2.89 8.20 -17.64
CA PHE C 67 -1.68 7.60 -17.09
C PHE C 67 -1.37 6.29 -17.78
N SER C 68 -0.10 6.08 -18.11
CA SER C 68 0.33 4.92 -18.87
C SER C 68 1.61 4.35 -18.26
N GLY C 69 1.77 3.05 -18.38
CA GLY C 69 2.91 2.35 -17.79
C GLY C 69 3.66 1.55 -18.84
N SER C 70 4.99 1.59 -18.76
CA SER C 70 5.84 0.83 -19.67
C SER C 70 7.15 0.51 -18.95
N GLY C 71 7.87 -0.47 -19.49
CA GLY C 71 9.17 -0.77 -18.93
C GLY C 71 9.73 -2.08 -19.45
N SER C 72 10.93 -2.37 -18.96
CA SER C 72 11.71 -3.55 -19.32
C SER C 72 12.35 -4.04 -18.04
N GLY C 73 13.47 -4.76 -18.16
CA GLY C 73 14.35 -4.96 -17.02
C GLY C 73 15.25 -3.75 -16.83
N THR C 74 15.33 -3.26 -15.60
CA THR C 74 16.18 -2.14 -15.17
C THR C 74 15.83 -0.82 -15.82
N SER C 75 14.70 -0.72 -16.52
CA SER C 75 14.28 0.54 -17.13
C SER C 75 12.77 0.61 -17.13
N PHE C 76 12.22 1.69 -16.57
CA PHE C 76 10.78 1.84 -16.41
C PHE C 76 10.41 3.30 -16.59
N THR C 77 9.23 3.54 -17.18
CA THR C 77 8.79 4.90 -17.45
C THR C 77 7.28 4.99 -17.30
N LEU C 78 6.81 6.06 -16.65
CA LEU C 78 5.41 6.39 -16.54
C LEU C 78 5.10 7.56 -17.45
N ARG C 79 3.99 7.47 -18.19
CA ARG C 79 3.65 8.47 -19.19
C ARG C 79 2.26 9.04 -18.95
N ILE C 80 2.13 10.36 -19.08
CA ILE C 80 0.84 11.04 -19.04
C ILE C 80 0.60 11.60 -20.43
N SER C 81 -0.41 11.06 -21.12
CA SER C 81 -0.65 11.42 -22.52
C SER C 81 -0.99 12.89 -22.66
N ARG C 82 -1.97 13.38 -21.91
CA ARG C 82 -2.34 14.79 -21.87
C ARG C 82 -2.29 15.23 -20.41
N VAL C 83 -1.32 16.08 -20.07
CA VAL C 83 -1.11 16.47 -18.68
C VAL C 83 -2.10 17.54 -18.30
N GLU C 84 -2.85 17.31 -17.23
CA GLU C 84 -3.74 18.30 -16.63
C GLU C 84 -3.10 18.84 -15.36
N ALA C 85 -3.71 19.92 -14.83
CA ALA C 85 -3.14 20.58 -13.67
C ALA C 85 -3.25 19.73 -12.40
N GLU C 86 -4.22 18.82 -12.34
CA GLU C 86 -4.40 17.96 -11.17
C GLU C 86 -3.28 16.95 -11.02
N ASP C 87 -2.40 16.82 -12.01
CA ASP C 87 -1.30 15.87 -11.99
C ASP C 87 -0.05 16.43 -11.33
N VAL C 88 -0.11 17.67 -10.82
CA VAL C 88 1.03 18.23 -10.11
C VAL C 88 1.26 17.44 -8.82
N GLY C 89 2.52 17.19 -8.52
CA GLY C 89 2.88 16.39 -7.37
C GLY C 89 4.16 15.61 -7.66
N VAL C 90 4.52 14.78 -6.68
CA VAL C 90 5.74 13.98 -6.76
C VAL C 90 5.37 12.55 -7.10
N TYR C 91 6.08 11.97 -8.06
CA TYR C 91 5.81 10.61 -8.54
C TYR C 91 6.93 9.69 -8.08
N TYR C 92 6.56 8.60 -7.41
CA TYR C 92 7.53 7.67 -6.82
C TYR C 92 7.38 6.30 -7.47
N CYS C 93 8.50 5.72 -7.88
CA CYS C 93 8.54 4.31 -8.25
C CYS C 93 8.93 3.48 -7.05
N MET C 94 8.58 2.19 -7.09
CA MET C 94 8.85 1.31 -5.95
C MET C 94 8.91 -0.13 -6.42
N GLN C 95 9.92 -0.86 -5.95
CA GLN C 95 10.05 -2.28 -6.22
C GLN C 95 9.50 -3.08 -5.04
N HIS C 96 8.91 -4.24 -5.34
CA HIS C 96 8.59 -5.20 -4.30
C HIS C 96 8.95 -6.61 -4.73
N LEU C 97 10.01 -6.74 -5.54
CA LEU C 97 10.55 -8.05 -5.89
C LEU C 97 11.33 -8.65 -4.74
N GLU C 98 12.13 -7.85 -4.03
CA GLU C 98 12.99 -8.33 -2.97
C GLU C 98 12.88 -7.43 -1.75
N TYR C 99 12.99 -8.04 -0.56
CA TYR C 99 13.14 -7.24 0.66
C TYR C 99 14.58 -6.75 0.76
N PRO C 100 14.81 -5.50 1.19
CA PRO C 100 13.79 -4.54 1.58
C PRO C 100 13.13 -3.84 0.39
N TYR C 101 11.82 -3.67 0.45
CA TYR C 101 11.13 -2.89 -0.57
C TYR C 101 11.69 -1.48 -0.57
N THR C 102 12.01 -0.95 -1.74
CA THR C 102 12.70 0.32 -1.84
C THR C 102 11.98 1.23 -2.82
N PHE C 103 11.91 2.52 -2.46
CA PHE C 103 11.27 3.52 -3.29
C PHE C 103 12.31 4.24 -4.14
N GLY C 104 11.81 5.02 -5.12
CA GLY C 104 12.66 5.93 -5.86
C GLY C 104 12.69 7.31 -5.22
N GLY C 105 13.55 8.17 -5.78
CA GLY C 105 13.72 9.50 -5.20
C GLY C 105 12.47 10.35 -5.32
N GLY C 106 11.82 10.34 -6.48
CA GLY C 106 10.65 11.15 -6.70
C GLY C 106 10.89 12.28 -7.68
N THR C 107 10.03 12.37 -8.70
CA THR C 107 10.11 13.41 -9.71
C THR C 107 8.89 14.31 -9.58
N LYS C 108 9.12 15.59 -9.30
CA LYS C 108 8.03 16.55 -9.19
C LYS C 108 7.60 17.02 -10.57
N LEU C 109 6.30 17.01 -10.81
CA LEU C 109 5.74 17.55 -12.05
C LEU C 109 5.50 19.04 -11.86
N GLU C 110 6.08 19.86 -12.73
CA GLU C 110 5.87 21.30 -12.70
C GLU C 110 5.11 21.71 -13.95
N ILE C 111 4.11 22.56 -13.77
CA ILE C 111 3.25 22.99 -14.87
C ILE C 111 3.66 24.40 -15.29
N LYS C 112 4.11 24.53 -16.53
CA LYS C 112 4.40 25.85 -17.10
C LYS C 112 3.09 26.44 -17.61
N ARG C 113 2.65 27.53 -16.99
CA ARG C 113 1.42 28.21 -17.39
C ARG C 113 1.69 29.68 -17.72
N ALA C 114 0.64 30.35 -18.19
CA ALA C 114 0.77 31.74 -18.62
C ALA C 114 1.08 32.65 -17.46
N ASP C 115 2.02 33.56 -17.66
CA ASP C 115 2.43 34.47 -16.60
C ASP C 115 1.23 35.28 -16.10
N ALA C 116 1.08 35.33 -14.78
CA ALA C 116 -0.02 36.04 -14.14
C ALA C 116 0.51 36.88 -12.99
N ALA C 117 -0.30 37.87 -12.58
CA ALA C 117 0.08 38.86 -11.58
C ALA C 117 -0.41 38.46 -10.20
N PRO C 118 0.33 38.81 -9.14
CA PRO C 118 -0.14 38.52 -7.79
C PRO C 118 -1.28 39.46 -7.39
N THR C 119 -2.12 38.97 -6.47
CA THR C 119 -3.29 39.69 -6.00
C THR C 119 -3.07 39.99 -4.51
N VAL C 120 -2.72 41.24 -4.21
CA VAL C 120 -2.42 41.62 -2.84
C VAL C 120 -3.69 41.63 -2.01
N SER C 121 -3.63 41.05 -0.82
CA SER C 121 -4.62 41.24 0.22
C SER C 121 -3.90 41.65 1.50
N ILE C 122 -4.36 42.72 2.13
CA ILE C 122 -3.75 43.23 3.36
C ILE C 122 -4.76 43.11 4.49
N PHE C 123 -4.25 42.93 5.70
CA PHE C 123 -5.14 42.69 6.83
C PHE C 123 -4.65 43.37 8.10
N PRO C 124 -5.46 44.24 8.70
CA PRO C 124 -5.08 44.82 9.99
C PRO C 124 -5.11 43.76 11.08
N PRO C 125 -4.30 43.93 12.13
CA PRO C 125 -4.39 43.00 13.26
C PRO C 125 -5.78 42.99 13.87
N SER C 126 -6.22 41.80 14.25
CA SER C 126 -7.56 41.64 14.79
C SER C 126 -7.66 42.25 16.19
N SER C 127 -8.90 42.57 16.60
CA SER C 127 -9.13 43.09 17.94
C SER C 127 -8.73 42.07 19.00
N GLU C 128 -9.03 40.79 18.74
CA GLU C 128 -8.69 39.75 19.71
C GLU C 128 -7.19 39.65 19.92
N GLN C 129 -6.42 39.70 18.84
CA GLN C 129 -4.96 39.65 18.97
C GLN C 129 -4.44 40.89 19.70
N LEU C 130 -4.99 42.07 19.38
CA LEU C 130 -4.58 43.29 20.06
C LEU C 130 -4.89 43.22 21.55
N THR C 131 -6.04 42.64 21.89
CA THR C 131 -6.37 42.42 23.31
C THR C 131 -5.42 41.42 23.96
N SER C 132 -4.86 40.51 23.16
CA SER C 132 -4.02 39.44 23.69
C SER C 132 -2.57 39.85 23.92
N GLY C 133 -2.21 41.10 23.60
CA GLY C 133 -0.84 41.54 23.76
C GLY C 133 0.08 41.28 22.58
N GLY C 134 -0.47 40.79 21.46
CA GLY C 134 0.30 40.60 20.25
C GLY C 134 -0.30 41.40 19.11
N ALA C 135 0.48 41.54 18.04
CA ALA C 135 0.03 42.29 16.88
C ALA C 135 0.77 41.75 15.66
N SER C 136 0.04 41.10 14.75
CA SER C 136 0.64 40.52 13.55
C SER C 136 -0.08 41.08 12.33
N VAL C 137 0.62 41.91 11.57
CA VAL C 137 0.14 42.36 10.26
C VAL C 137 0.44 41.26 9.26
N VAL C 138 -0.55 40.90 8.45
CA VAL C 138 -0.49 39.70 7.62
C VAL C 138 -0.87 40.06 6.19
N CYS C 139 0.03 39.77 5.25
CA CYS C 139 -0.12 40.16 3.85
C CYS C 139 -0.14 38.91 2.97
N PHE C 140 -1.01 38.90 1.96
CA PHE C 140 -1.21 37.75 1.10
C PHE C 140 -0.82 38.10 -0.33
N LEU C 141 -0.09 37.19 -0.98
CA LEU C 141 0.28 37.31 -2.39
C LEU C 141 -0.33 36.10 -3.09
N ASN C 142 -1.55 36.25 -3.59
CA ASN C 142 -2.35 35.13 -4.05
C ASN C 142 -2.34 35.03 -5.57
N ASN C 143 -2.18 33.80 -6.07
CA ASN C 143 -2.41 33.45 -7.47
C ASN C 143 -1.48 34.23 -8.41
N PHE C 144 -0.19 33.92 -8.29
CA PHE C 144 0.82 34.49 -9.17
C PHE C 144 1.63 33.40 -9.87
N TYR C 145 2.50 33.83 -10.79
CA TYR C 145 3.46 32.98 -11.49
C TYR C 145 4.60 33.86 -11.98
N PRO C 146 5.86 33.45 -11.78
CA PRO C 146 6.31 32.24 -11.08
C PRO C 146 6.62 32.44 -9.60
N LYS C 147 7.18 31.41 -8.98
CA LYS C 147 7.39 31.38 -7.53
C LYS C 147 8.37 32.45 -7.06
N ASP C 148 9.15 33.05 -7.95
CA ASP C 148 10.13 34.06 -7.57
C ASP C 148 9.42 35.40 -7.40
N ILE C 149 9.09 35.72 -6.15
CA ILE C 149 8.53 37.02 -5.78
C ILE C 149 9.23 37.50 -4.52
N ASN C 150 9.21 38.80 -4.29
CA ASN C 150 9.86 39.40 -3.14
C ASN C 150 8.94 40.39 -2.46
N VAL C 151 9.19 40.59 -1.16
CA VAL C 151 8.25 41.26 -0.27
C VAL C 151 9.00 42.33 0.53
N LYS C 152 8.40 43.51 0.64
CA LYS C 152 8.96 44.60 1.44
C LYS C 152 7.86 45.21 2.30
N TRP C 153 8.24 45.63 3.51
CA TRP C 153 7.31 46.21 4.48
C TRP C 153 7.68 47.66 4.76
N LYS C 154 6.67 48.48 5.03
CA LYS C 154 6.86 49.90 5.30
C LYS C 154 6.06 50.29 6.53
N ILE C 155 6.74 50.40 7.67
CA ILE C 155 6.12 50.88 8.90
C ILE C 155 6.31 52.40 8.95
N ASP C 156 5.22 53.13 8.72
CA ASP C 156 5.24 54.60 8.70
C ASP C 156 6.26 55.14 7.69
N GLY C 157 6.38 54.44 6.55
CA GLY C 157 7.29 54.85 5.50
C GLY C 157 8.71 54.32 5.63
N SER C 158 9.01 53.50 6.63
CA SER C 158 10.34 52.96 6.83
C SER C 158 10.30 51.44 6.73
N GLU C 159 11.39 50.86 6.25
CA GLU C 159 11.45 49.42 6.05
C GLU C 159 11.56 48.68 7.38
N ARG C 160 11.13 47.42 7.37
CA ARG C 160 11.18 46.55 8.53
C ARG C 160 11.94 45.29 8.19
N GLN C 161 12.87 44.89 9.05
CA GLN C 161 13.73 43.74 8.81
C GLN C 161 13.65 42.68 9.90
N ASN C 162 12.84 42.87 10.94
CA ASN C 162 12.72 41.94 12.04
C ASN C 162 11.29 41.43 12.14
N GLY C 163 11.13 40.15 12.47
CA GLY C 163 9.81 39.58 12.60
C GLY C 163 9.05 39.46 11.31
N VAL C 164 9.75 39.36 10.18
CA VAL C 164 9.12 39.19 8.88
C VAL C 164 9.29 37.72 8.50
N LEU C 165 8.21 36.94 8.64
CA LEU C 165 8.20 35.53 8.31
C LEU C 165 7.33 35.30 7.09
N ASN C 166 7.87 34.54 6.12
CA ASN C 166 7.21 34.31 4.84
C ASN C 166 7.03 32.82 4.59
N SER C 167 5.95 32.49 3.87
CA SER C 167 5.60 31.11 3.57
C SER C 167 5.09 31.02 2.13
N TRP C 168 5.48 29.96 1.42
CA TRP C 168 5.17 29.76 0.00
C TRP C 168 4.35 28.50 -0.19
N THR C 169 3.29 28.58 -1.00
CA THR C 169 2.51 27.41 -1.36
C THR C 169 3.12 26.70 -2.57
N ASP C 170 2.69 25.45 -2.77
CA ASP C 170 3.04 24.71 -3.96
C ASP C 170 2.13 25.10 -5.12
N GLN C 171 2.34 24.47 -6.28
CA GLN C 171 1.52 24.79 -7.44
C GLN C 171 0.06 24.46 -7.17
N ASP C 172 -0.82 25.42 -7.52
CA ASP C 172 -2.25 25.21 -7.36
C ASP C 172 -2.70 24.03 -8.20
N SER C 173 -3.57 23.20 -7.61
CA SER C 173 -4.03 22.00 -8.31
C SER C 173 -4.94 22.32 -9.49
N LYS C 174 -5.49 23.53 -9.55
CA LYS C 174 -6.31 23.95 -10.67
C LYS C 174 -5.67 25.11 -11.44
N ASP C 175 -5.35 26.21 -10.76
CA ASP C 175 -4.82 27.39 -11.42
C ASP C 175 -3.37 27.23 -11.87
N SER C 176 -2.68 26.18 -11.43
CA SER C 176 -1.25 25.97 -11.68
C SER C 176 -0.41 27.14 -11.17
N THR C 177 -0.96 27.92 -10.25
CA THR C 177 -0.36 29.15 -9.76
C THR C 177 0.25 28.95 -8.38
N TYR C 178 1.00 29.95 -7.94
CA TYR C 178 1.63 29.97 -6.63
C TYR C 178 0.98 31.03 -5.75
N SER C 179 1.28 30.96 -4.46
CA SER C 179 0.78 31.93 -3.50
C SER C 179 1.78 32.07 -2.36
N MET C 180 1.76 33.24 -1.71
CA MET C 180 2.70 33.56 -0.65
C MET C 180 2.01 34.37 0.43
N SER C 181 2.53 34.24 1.66
CA SER C 181 2.01 34.96 2.82
C SER C 181 3.17 35.47 3.66
N SER C 182 3.21 36.78 3.89
CA SER C 182 4.20 37.42 4.76
C SER C 182 3.49 37.98 5.97
N THR C 183 4.06 37.74 7.15
CA THR C 183 3.47 38.15 8.42
C THR C 183 4.49 38.93 9.22
N LEU C 184 4.14 40.16 9.59
CA LEU C 184 4.99 41.01 10.42
C LEU C 184 4.51 40.93 11.86
N THR C 185 5.33 40.35 12.73
CA THR C 185 4.97 40.13 14.13
C THR C 185 5.41 41.35 14.94
N LEU C 186 4.44 42.09 15.46
CA LEU C 186 4.69 43.24 16.31
C LEU C 186 4.08 42.99 17.69
N THR C 187 4.41 43.88 18.62
CA THR C 187 3.75 43.86 19.91
C THR C 187 2.57 44.82 19.90
N LYS C 188 1.72 44.71 20.92
CA LYS C 188 0.65 45.69 21.09
C LYS C 188 1.20 47.07 21.38
N ASP C 189 2.48 47.17 21.74
CA ASP C 189 3.08 48.46 22.07
C ASP C 189 3.53 49.21 20.80
N GLU C 190 4.50 48.65 20.08
CA GLU C 190 5.06 49.37 18.94
C GLU C 190 4.13 49.40 17.73
N TYR C 191 3.16 48.49 17.66
CA TYR C 191 2.12 48.64 16.64
C TYR C 191 1.26 49.87 16.92
N GLU C 192 1.05 50.19 18.20
CA GLU C 192 0.25 51.35 18.58
C GLU C 192 1.01 52.66 18.42
N ARG C 193 2.31 52.62 18.11
CA ARG C 193 3.10 53.83 17.94
C ARG C 193 3.25 54.24 16.48
N HIS C 194 2.76 53.44 15.54
CA HIS C 194 2.84 53.75 14.13
C HIS C 194 1.44 53.79 13.54
N ASN C 195 1.28 54.61 12.49
CA ASN C 195 -0.01 54.80 11.86
C ASN C 195 -0.10 54.15 10.48
N SER C 196 0.92 54.32 9.64
CA SER C 196 0.87 53.86 8.25
C SER C 196 1.69 52.58 8.10
N TYR C 197 1.03 51.53 7.62
CA TYR C 197 1.68 50.26 7.32
C TYR C 197 1.46 49.92 5.86
N THR C 198 2.51 49.48 5.17
CA THR C 198 2.43 49.15 3.76
C THR C 198 3.12 47.82 3.48
N CYS C 199 2.48 47.01 2.66
CA CYS C 199 3.05 45.75 2.16
C CYS C 199 3.26 45.89 0.66
N GLU C 200 4.49 45.65 0.21
CA GLU C 200 4.87 45.84 -1.18
C GLU C 200 5.34 44.53 -1.79
N ALA C 201 4.90 44.27 -3.02
CA ALA C 201 5.25 43.06 -3.75
C ALA C 201 5.94 43.43 -5.05
N THR C 202 7.06 42.79 -5.33
CA THR C 202 7.81 42.99 -6.57
C THR C 202 7.75 41.73 -7.40
N HIS C 203 7.43 41.88 -8.69
CA HIS C 203 7.24 40.73 -9.56
C HIS C 203 7.48 41.16 -11.00
N LYS C 204 7.72 40.17 -11.87
CA LYS C 204 7.89 40.42 -13.28
C LYS C 204 6.60 40.87 -13.97
N THR C 205 5.46 40.75 -13.29
CA THR C 205 4.18 41.04 -13.93
C THR C 205 4.08 42.51 -14.34
N SER C 206 4.54 43.41 -13.49
CA SER C 206 4.47 44.84 -13.76
C SER C 206 5.81 45.49 -13.44
N THR C 207 6.20 46.47 -14.26
CA THR C 207 7.39 47.26 -13.96
C THR C 207 7.19 48.07 -12.68
N SER C 208 6.03 48.69 -12.53
CA SER C 208 5.71 49.41 -11.30
C SER C 208 5.28 48.43 -10.23
N PRO C 209 5.95 48.37 -9.08
CA PRO C 209 5.56 47.41 -8.05
C PRO C 209 4.20 47.75 -7.45
N ILE C 210 3.52 46.71 -6.99
CA ILE C 210 2.24 46.87 -6.31
C ILE C 210 2.48 46.90 -4.81
N VAL C 211 1.93 47.92 -4.15
CA VAL C 211 1.92 48.02 -2.69
C VAL C 211 0.51 48.39 -2.26
N LYS C 212 -0.01 47.69 -1.26
CA LYS C 212 -1.25 48.07 -0.61
C LYS C 212 -0.97 48.38 0.85
N SER C 213 -1.66 49.38 1.36
CA SER C 213 -1.40 49.90 2.69
C SER C 213 -2.72 50.13 3.42
N PHE C 214 -2.61 50.47 4.70
CA PHE C 214 -3.76 50.84 5.50
C PHE C 214 -3.32 51.78 6.60
N ASN C 215 -4.27 52.57 7.09
CA ASN C 215 -4.05 53.54 8.14
C ASN C 215 -5.20 53.44 9.13
N ARG C 216 -4.89 53.52 10.42
CA ARG C 216 -5.92 53.40 11.44
C ARG C 216 -6.38 54.77 11.93
#